data_3W1Q
#
_entry.id   3W1Q
#
_cell.length_a   68.114
_cell.length_b   71.886
_cell.length_c   129.554
_cell.angle_alpha   90.00
_cell.angle_beta   90.00
_cell.angle_gamma   90.00
#
_symmetry.space_group_name_H-M   'P 21 21 21'
#
loop_
_entity.id
_entity.type
_entity.pdbx_description
1 polymer 'Dihydroorotate dehydrogenase (fumarate)'
2 non-polymer 'FLAVIN MONONUCLEOTIDE'
3 non-polymer 'COBALT HEXAMMINE(III)'
4 non-polymer '5-(3,3-dimethylbutyl)-2,6-dioxo-1,2,3,6-tetrahydropyrimidine-4-carboxylic acid'
5 non-polymer GLYCEROL
6 water water
#
_entity_poly.entity_id   1
_entity_poly.type   'polypeptide(L)'
_entity_poly.pdbx_seq_one_letter_code
;MCLKLNLLDHVFANPFMNAAGVLCSTEEDLRCMTASSSGALVSKSCTSAPRDGNPEPRYMAFPLGSINSMGLPNLGFDFY
LKYASDLHDYSKKPLFLSISGLSVEENVAMVRRLAPVAQEKGVLLELNLSCPNVPGKPQVAYDFEAMRTYLQQVSLAYGL
PFGVKMPPYFDIAHFDTAAAVLNEFPLVKFVTCVNSVGNGLVIDAESESVVIKPKQGFGGLGGKYILPTALANVNAFYRR
CPDKLVFGCGGVYSGEDAFLHILAGASMVQVGTALQEEGPGIFTRLEDELLEIMARKGYRTLEEFRGRVKTIE
;
_entity_poly.pdbx_strand_id   A,B
#
# COMPACT_ATOMS: atom_id res chain seq x y z
N MET A 1 -18.56 28.32 16.54
CA MET A 1 -18.83 27.41 15.38
C MET A 1 -19.12 25.97 15.83
N CYS A 2 -20.01 25.29 15.11
CA CYS A 2 -20.33 23.89 15.32
C CYS A 2 -20.19 23.20 13.99
N LEU A 3 -19.86 21.92 14.04
CA LEU A 3 -19.60 21.14 12.84
C LEU A 3 -20.68 20.10 12.60
N LYS A 4 -21.95 20.37 13.01
CA LYS A 4 -23.07 19.46 12.79
C LYS A 4 -23.25 19.33 11.24
N LEU A 5 -23.69 18.13 10.75
CA LEU A 5 -24.07 17.71 9.39
C LEU A 5 -25.30 16.71 9.15
N ASN A 6 -25.75 16.54 7.90
CA ASN A 6 -26.93 15.75 7.46
C ASN A 6 -26.81 14.80 6.26
N LEU A 7 -26.61 13.55 6.54
CA LEU A 7 -26.22 12.59 5.55
C LEU A 7 -27.16 11.43 5.78
N LEU A 8 -27.58 10.85 4.70
CA LEU A 8 -28.32 9.62 4.77
C LEU A 8 -29.56 9.76 5.70
N ASP A 9 -30.16 10.94 5.73
CA ASP A 9 -31.40 11.16 6.51
C ASP A 9 -31.15 11.03 8.01
N HIS A 10 -29.92 11.25 8.43
CA HIS A 10 -29.56 11.39 9.82
C HIS A 10 -28.77 12.67 10.04
N VAL A 11 -28.84 13.15 11.27
CA VAL A 11 -28.13 14.30 11.69
C VAL A 11 -26.95 13.89 12.52
N PHE A 12 -25.79 14.52 12.25
CA PHE A 12 -24.55 14.22 12.96
C PHE A 12 -23.97 15.52 13.52
N ALA A 13 -23.52 15.48 14.73
CA ALA A 13 -22.97 16.65 15.41
C ALA A 13 -21.56 17.00 14.90
N ASN A 14 -20.85 16.05 14.34
CA ASN A 14 -19.50 16.24 13.82
C ASN A 14 -19.23 15.01 12.92
N PRO A 15 -18.20 15.09 12.07
CA PRO A 15 -18.02 14.10 11.09
C PRO A 15 -17.26 12.83 11.62
N PHE A 16 -16.85 12.85 12.88
CA PHE A 16 -15.99 11.82 13.38
C PHE A 16 -16.71 10.55 13.86
N MET A 17 -16.07 9.39 13.64
CA MET A 17 -16.55 8.16 14.17
C MET A 17 -15.43 7.19 14.29
N ASN A 18 -15.61 6.07 15.05
CA ASN A 18 -14.64 5.01 15.06
C ASN A 18 -14.64 4.37 13.70
N ALA A 19 -13.50 3.76 13.37
CA ALA A 19 -13.41 2.81 12.29
C ALA A 19 -13.93 1.47 12.77
N ALA A 20 -14.55 0.73 11.87
CA ALA A 20 -15.09 -0.61 12.27
C ALA A 20 -13.94 -1.47 12.80
N GLY A 21 -14.24 -2.26 13.82
CA GLY A 21 -13.28 -3.12 14.48
C GLY A 21 -12.57 -2.52 15.66
N VAL A 22 -12.54 -1.18 15.78
CA VAL A 22 -11.86 -0.54 16.93
C VAL A 22 -12.90 -0.01 17.94
N LEU A 23 -12.78 -0.40 19.20
CA LEU A 23 -13.68 0.02 20.27
C LEU A 23 -15.17 -0.16 19.96
N CYS A 24 -15.51 -1.36 19.49
CA CYS A 24 -16.87 -1.60 19.04
C CYS A 24 -17.30 -3.07 18.99
N SER A 25 -16.65 -3.91 19.80
CA SER A 25 -16.91 -5.33 19.73
C SER A 25 -17.92 -5.81 20.76
N THR A 26 -17.86 -5.25 21.95
CA THR A 26 -18.72 -5.69 23.03
C THR A 26 -19.74 -4.61 23.38
N GLU A 27 -20.74 -4.94 24.19
CA GLU A 27 -21.71 -3.95 24.64
C GLU A 27 -21.02 -2.77 25.36
N GLU A 28 -20.08 -3.10 26.23
CA GLU A 28 -19.20 -2.12 26.86
C GLU A 28 -18.53 -1.21 25.87
N ASP A 29 -17.95 -1.76 24.80
CA ASP A 29 -17.27 -0.93 23.81
C ASP A 29 -18.24 0.07 23.13
N LEU A 30 -19.41 -0.42 22.76
CA LEU A 30 -20.43 0.35 22.06
C LEU A 30 -21.01 1.45 22.96
N ARG A 31 -21.23 1.11 24.23
CA ARG A 31 -21.59 2.10 25.24
C ARG A 31 -20.52 3.19 25.40
N CYS A 32 -19.24 2.79 25.41
CA CYS A 32 -18.14 3.75 25.48
C CYS A 32 -18.08 4.65 24.28
N MET A 33 -18.24 4.11 23.07
CA MET A 33 -18.31 4.91 21.88
C MET A 33 -19.54 5.82 21.89
N THR A 34 -20.67 5.35 22.42
CA THR A 34 -21.86 6.19 22.45
C THR A 34 -21.64 7.41 23.39
N ALA A 35 -20.96 7.16 24.50
CA ALA A 35 -20.71 8.19 25.50
C ALA A 35 -19.64 9.18 25.08
N SER A 36 -18.80 8.80 24.12
CA SER A 36 -17.80 9.71 23.55
C SER A 36 -18.40 10.89 22.79
N SER A 37 -17.53 11.82 22.41
CA SER A 37 -17.98 12.97 21.65
C SER A 37 -17.95 12.73 20.15
N SER A 38 -17.85 11.47 19.76
CA SER A 38 -17.90 11.17 18.31
C SER A 38 -19.28 11.50 17.77
N GLY A 39 -19.32 11.80 16.49
CA GLY A 39 -20.54 12.08 15.79
C GLY A 39 -21.40 10.86 15.49
N ALA A 40 -20.76 9.68 15.40
CA ALA A 40 -21.45 8.41 15.12
C ALA A 40 -20.55 7.25 15.63
N LEU A 41 -21.08 6.03 15.57
CA LEU A 41 -20.24 4.85 15.81
C LEU A 41 -20.66 3.80 14.84
N VAL A 42 -19.75 2.87 14.63
CA VAL A 42 -19.98 1.66 13.87
C VAL A 42 -19.56 0.43 14.68
N SER A 43 -20.32 -0.66 14.55
CA SER A 43 -20.06 -1.88 15.30
C SER A 43 -18.96 -2.70 14.63
N LYS A 44 -18.37 -3.64 15.34
CA LYS A 44 -17.36 -4.58 14.79
C LYS A 44 -18.01 -5.36 13.61
N SER A 45 -17.28 -5.60 12.52
CA SER A 45 -17.82 -6.50 11.44
C SER A 45 -18.21 -7.87 12.01
N CYS A 46 -19.44 -8.29 11.71
CA CYS A 46 -19.94 -9.53 12.26
C CYS A 46 -20.23 -10.60 11.25
N THR A 47 -20.33 -11.80 11.79
CA THR A 47 -20.62 -12.98 11.01
C THR A 47 -21.88 -13.62 11.66
N SER A 48 -22.46 -14.62 11.01
CA SER A 48 -23.72 -15.14 11.53
C SER A 48 -23.53 -15.71 12.87
N ALA A 49 -22.43 -16.42 13.06
CA ALA A 49 -22.13 -17.04 14.36
C ALA A 49 -20.99 -16.30 15.08
N PRO A 50 -20.90 -16.43 16.39
CA PRO A 50 -19.76 -15.84 17.08
C PRO A 50 -18.43 -16.47 16.62
N ARG A 51 -17.34 -15.69 16.73
CA ARG A 51 -16.02 -16.12 16.39
C ARG A 51 -15.06 -15.65 17.44
N ASP A 52 -14.08 -16.52 17.71
CA ASP A 52 -12.99 -16.20 18.60
C ASP A 52 -11.89 -15.41 17.88
N GLY A 53 -11.81 -15.55 16.58
CA GLY A 53 -10.72 -14.91 15.81
C GLY A 53 -9.41 -15.66 15.96
N ASN A 54 -8.34 -15.03 15.54
CA ASN A 54 -7.01 -15.66 15.51
C ASN A 54 -6.27 -15.67 16.86
N PRO A 55 -5.25 -16.56 16.96
CA PRO A 55 -4.37 -16.51 18.11
C PRO A 55 -3.69 -15.17 18.38
N GLU A 56 -3.46 -14.84 19.67
CA GLU A 56 -2.75 -13.62 20.08
C GLU A 56 -1.24 -13.91 20.19
N PRO A 57 -0.39 -12.89 20.01
CA PRO A 57 -0.72 -11.51 19.68
C PRO A 57 -1.21 -11.36 18.23
N ARG A 58 -2.22 -10.52 18.05
CA ARG A 58 -2.85 -10.38 16.72
C ARG A 58 -3.01 -8.88 16.30
N TYR A 59 -2.62 -7.95 17.17
CA TYR A 59 -2.61 -6.51 16.92
C TYR A 59 -1.35 -5.97 17.58
N MET A 60 -0.62 -5.10 16.89
CA MET A 60 0.54 -4.41 17.48
C MET A 60 0.60 -3.03 16.88
N ALA A 61 0.94 -2.06 17.71
CA ALA A 61 1.09 -0.70 17.26
C ALA A 61 2.48 -0.14 17.55
N PHE A 62 2.87 0.80 16.70
CA PHE A 62 4.14 1.40 16.71
C PHE A 62 3.97 2.87 16.37
N PRO A 63 5.05 3.64 16.50
CA PRO A 63 4.95 5.07 16.22
C PRO A 63 4.36 5.40 14.89
N LEU A 64 4.64 4.62 13.84
CA LEU A 64 4.03 4.92 12.57
C LEU A 64 2.71 4.21 12.23
N GLY A 65 2.23 3.34 13.09
CA GLY A 65 0.92 2.78 12.85
C GLY A 65 0.78 1.42 13.44
N SER A 66 -0.03 0.59 12.80
CA SER A 66 -0.41 -0.67 13.41
C SER A 66 -0.40 -1.78 12.37
N ILE A 67 -0.37 -3.00 12.88
CA ILE A 67 -0.57 -4.20 12.08
C ILE A 67 -1.51 -5.14 12.84
N ASN A 68 -2.40 -5.75 12.10
CA ASN A 68 -3.39 -6.72 12.66
C ASN A 68 -3.79 -7.85 11.74
N SER A 69 -4.01 -9.00 12.40
CA SER A 69 -4.69 -10.04 11.75
C SER A 69 -5.61 -10.65 12.81
N MET A 70 -6.62 -9.85 13.18
CA MET A 70 -7.54 -10.23 14.26
C MET A 70 -8.27 -11.54 13.97
N GLY A 71 -8.65 -11.74 12.71
CA GLY A 71 -9.46 -12.86 12.29
C GLY A 71 -10.95 -12.78 12.50
N LEU A 72 -11.52 -11.56 12.49
CA LEU A 72 -12.95 -11.37 12.59
C LEU A 72 -13.56 -11.91 13.88
N PRO A 73 -12.87 -11.66 14.99
CA PRO A 73 -13.50 -12.06 16.24
C PRO A 73 -14.70 -11.16 16.50
N ASN A 74 -15.83 -11.73 16.90
CA ASN A 74 -17.03 -10.90 17.11
C ASN A 74 -18.06 -11.74 17.84
N LEU A 75 -19.04 -11.03 18.38
CA LEU A 75 -20.04 -11.66 19.23
C LEU A 75 -21.20 -12.33 18.47
N GLY A 76 -21.19 -12.23 17.14
CA GLY A 76 -22.17 -12.74 16.28
C GLY A 76 -23.28 -11.75 15.95
N PHE A 77 -23.83 -11.90 14.73
CA PHE A 77 -24.88 -11.04 14.27
C PHE A 77 -26.03 -10.84 15.25
N ASP A 78 -26.51 -11.92 15.90
CA ASP A 78 -27.63 -11.73 16.81
C ASP A 78 -27.39 -10.64 17.87
N PHE A 79 -26.16 -10.63 18.37
CA PHE A 79 -25.74 -9.66 19.36
C PHE A 79 -25.78 -8.22 18.82
N TYR A 80 -25.20 -7.99 17.65
CA TYR A 80 -25.17 -6.61 17.12
C TYR A 80 -26.59 -6.14 16.76
N LEU A 81 -27.38 -7.04 16.18
CA LEU A 81 -28.79 -6.72 15.87
C LEU A 81 -29.56 -6.35 17.11
N LYS A 82 -29.34 -7.09 18.17
CA LYS A 82 -30.01 -6.82 19.41
C LYS A 82 -29.59 -5.50 19.99
N TYR A 83 -28.28 -5.21 19.92
CA TYR A 83 -27.77 -3.87 20.24
C TYR A 83 -28.49 -2.77 19.45
N ALA A 84 -28.59 -2.96 18.14
CA ALA A 84 -29.21 -1.99 17.28
C ALA A 84 -30.71 -1.79 17.60
N SER A 85 -31.39 -2.89 17.94
CA SER A 85 -32.86 -2.84 18.02
C SER A 85 -33.32 -2.49 19.43
N ASP A 86 -32.59 -2.88 20.47
CA ASP A 86 -33.02 -2.67 21.85
C ASP A 86 -32.12 -1.84 22.75
N LEU A 87 -30.81 -1.74 22.46
CA LEU A 87 -29.86 -1.15 23.43
C LEU A 87 -29.32 0.24 23.05
N HIS A 88 -29.15 0.49 21.78
CA HIS A 88 -28.51 1.73 21.36
C HIS A 88 -29.44 2.88 21.60
N ASP A 89 -28.92 3.95 22.19
CA ASP A 89 -29.67 5.16 22.28
C ASP A 89 -29.52 6.11 21.07
N TYR A 90 -30.48 6.07 20.14
CA TYR A 90 -30.39 6.86 18.91
C TYR A 90 -30.50 8.37 19.13
N SER A 91 -30.87 8.79 20.32
CA SER A 91 -30.93 10.22 20.57
C SER A 91 -29.49 10.73 20.79
N LYS A 92 -28.54 9.85 21.11
CA LYS A 92 -27.15 10.23 21.32
C LYS A 92 -26.43 10.45 19.98
N LYS A 93 -26.56 9.51 19.05
CA LYS A 93 -25.90 9.62 17.77
C LYS A 93 -26.35 8.48 16.91
N PRO A 94 -26.13 8.59 15.60
CA PRO A 94 -26.42 7.46 14.73
C PRO A 94 -25.50 6.25 14.90
N LEU A 95 -26.02 5.10 14.57
CA LEU A 95 -25.30 3.85 14.54
C LEU A 95 -25.25 3.20 13.18
N PHE A 96 -24.06 2.71 12.83
CA PHE A 96 -23.81 1.89 11.72
C PHE A 96 -23.50 0.51 12.17
N LEU A 97 -24.01 -0.52 11.47
CA LEU A 97 -23.66 -1.89 11.79
C LEU A 97 -22.85 -2.44 10.62
N SER A 98 -21.64 -2.98 10.88
CA SER A 98 -20.80 -3.56 9.87
C SER A 98 -21.11 -5.07 9.79
N ILE A 99 -21.32 -5.60 8.58
CA ILE A 99 -21.43 -7.03 8.43
C ILE A 99 -20.35 -7.57 7.48
N SER A 100 -19.81 -8.76 7.78
CA SER A 100 -18.74 -9.33 6.96
C SER A 100 -18.92 -10.86 6.95
N GLY A 101 -20.03 -11.30 6.36
CA GLY A 101 -20.21 -12.75 6.19
C GLY A 101 -19.16 -13.37 5.30
N LEU A 102 -18.94 -14.69 5.49
CA LEU A 102 -17.88 -15.42 4.76
C LEU A 102 -18.36 -15.92 3.38
N SER A 103 -19.65 -15.77 3.10
CA SER A 103 -20.20 -16.01 1.76
C SER A 103 -21.25 -15.03 1.44
N VAL A 104 -21.56 -14.92 0.16
CA VAL A 104 -22.72 -14.15 -0.24
C VAL A 104 -23.98 -14.58 0.49
N GLU A 105 -24.20 -15.87 0.62
CA GLU A 105 -25.39 -16.34 1.29
C GLU A 105 -25.53 -15.89 2.75
N GLU A 106 -24.44 -15.90 3.47
CA GLU A 106 -24.40 -15.47 4.87
C GLU A 106 -24.74 -13.97 4.93
N ASN A 107 -24.12 -13.19 4.05
CA ASN A 107 -24.44 -11.72 4.03
C ASN A 107 -25.89 -11.51 3.74
N VAL A 108 -26.42 -12.23 2.73
CA VAL A 108 -27.87 -12.08 2.39
C VAL A 108 -28.79 -12.40 3.58
N ALA A 109 -28.43 -13.45 4.30
CA ALA A 109 -29.23 -13.93 5.44
C ALA A 109 -29.22 -12.84 6.51
N MET A 110 -28.05 -12.24 6.71
CA MET A 110 -28.00 -11.19 7.77
C MET A 110 -28.76 -9.95 7.33
N VAL A 111 -28.58 -9.47 6.08
CA VAL A 111 -29.22 -8.21 5.67
C VAL A 111 -30.76 -8.32 5.64
N ARG A 112 -31.30 -9.52 5.36
CA ARG A 112 -32.78 -9.72 5.35
C ARG A 112 -33.34 -9.44 6.74
N ARG A 113 -32.61 -9.84 7.75
CA ARG A 113 -32.97 -9.65 9.16
C ARG A 113 -32.68 -8.22 9.68
N LEU A 114 -31.65 -7.55 9.14
CA LEU A 114 -31.40 -6.19 9.50
C LEU A 114 -32.45 -5.20 8.95
N ALA A 115 -32.94 -5.46 7.73
CA ALA A 115 -33.87 -4.58 7.06
C ALA A 115 -34.97 -4.00 7.92
N PRO A 116 -35.80 -4.84 8.57
CA PRO A 116 -36.89 -4.25 9.38
C PRO A 116 -36.40 -3.39 10.57
N VAL A 117 -35.24 -3.74 11.14
CA VAL A 117 -34.61 -2.94 12.19
C VAL A 117 -34.08 -1.58 11.66
N ALA A 118 -33.51 -1.57 10.47
CA ALA A 118 -33.09 -0.34 9.80
C ALA A 118 -34.32 0.52 9.50
N GLN A 119 -35.43 -0.09 9.06
CA GLN A 119 -36.67 0.66 8.82
C GLN A 119 -37.19 1.28 10.10
N GLU A 120 -37.21 0.55 11.17
CA GLU A 120 -37.89 0.95 12.43
C GLU A 120 -37.02 1.95 13.25
N LYS A 121 -35.73 1.65 13.35
CA LYS A 121 -34.81 2.35 14.26
C LYS A 121 -33.80 3.29 13.53
N GLY A 122 -33.56 3.05 12.25
CA GLY A 122 -32.66 3.88 11.46
C GLY A 122 -31.16 3.49 11.55
N VAL A 123 -30.84 2.33 12.11
CA VAL A 123 -29.46 1.79 12.00
C VAL A 123 -29.04 1.71 10.53
N LEU A 124 -27.77 2.05 10.25
CA LEU A 124 -27.24 2.07 8.88
C LEU A 124 -26.31 0.91 8.62
N LEU A 125 -26.37 0.35 7.45
CA LEU A 125 -25.52 -0.78 7.11
C LEU A 125 -24.22 -0.37 6.42
N GLU A 126 -23.08 -0.84 6.94
CA GLU A 126 -21.77 -0.83 6.22
C GLU A 126 -21.41 -2.26 5.92
N LEU A 127 -21.41 -2.59 4.63
CA LEU A 127 -21.05 -3.89 4.19
C LEU A 127 -19.55 -3.97 3.92
N ASN A 128 -18.85 -4.85 4.63
CA ASN A 128 -17.43 -5.02 4.54
C ASN A 128 -17.02 -6.03 3.48
N LEU A 129 -16.40 -5.52 2.43
CA LEU A 129 -16.02 -6.32 1.30
C LEU A 129 -14.62 -6.91 1.42
N SER A 130 -14.09 -7.03 2.64
CA SER A 130 -12.87 -7.77 3.07
C SER A 130 -13.11 -9.14 3.80
N CYS A 131 -12.28 -10.15 3.58
CA CYS A 131 -12.53 -11.51 4.23
C CYS A 131 -11.21 -12.30 4.56
N PRO A 132 -11.28 -13.36 5.44
CA PRO A 132 -10.03 -14.13 5.65
C PRO A 132 -9.53 -14.76 4.32
N ASN A 133 -8.22 -14.99 4.19
CA ASN A 133 -7.67 -15.66 2.98
C ASN A 133 -8.38 -16.98 2.70
N VAL A 134 -8.73 -17.24 1.44
CA VAL A 134 -9.05 -18.63 1.00
C VAL A 134 -8.09 -18.96 -0.15
N PRO A 135 -7.17 -19.94 0.05
CA PRO A 135 -6.21 -20.27 -1.05
C PRO A 135 -6.88 -20.38 -2.47
N GLY A 136 -6.27 -19.75 -3.47
CA GLY A 136 -6.77 -19.86 -4.83
C GLY A 136 -7.76 -18.76 -5.26
N LYS A 137 -8.19 -17.88 -4.34
CA LYS A 137 -9.15 -16.78 -4.68
C LYS A 137 -8.71 -15.45 -4.07
N PRO A 138 -8.85 -14.32 -4.80
CA PRO A 138 -8.57 -13.00 -4.15
C PRO A 138 -9.70 -12.51 -3.25
N GLN A 139 -9.39 -11.50 -2.42
CA GLN A 139 -10.40 -10.86 -1.63
C GLN A 139 -11.48 -10.35 -2.55
N VAL A 140 -12.72 -10.28 -2.05
CA VAL A 140 -13.88 -9.99 -2.88
C VAL A 140 -13.77 -8.67 -3.67
N ALA A 141 -13.28 -7.60 -3.01
CA ALA A 141 -13.28 -6.30 -3.74
C ALA A 141 -12.15 -6.26 -4.74
N TYR A 142 -11.27 -7.27 -4.69
CA TYR A 142 -10.23 -7.42 -5.68
C TYR A 142 -10.56 -8.39 -6.82
N ASP A 143 -11.76 -8.97 -6.78
CA ASP A 143 -12.32 -9.81 -7.82
C ASP A 143 -13.61 -9.14 -8.29
N PHE A 144 -13.56 -8.41 -9.38
CA PHE A 144 -14.65 -7.48 -9.68
C PHE A 144 -15.96 -8.19 -10.00
N GLU A 145 -15.88 -9.42 -10.52
CA GLU A 145 -17.10 -10.19 -10.76
C GLU A 145 -17.72 -10.67 -9.45
N ALA A 146 -16.90 -11.11 -8.50
CA ALA A 146 -17.45 -11.52 -7.22
C ALA A 146 -18.10 -10.28 -6.55
N MET A 147 -17.43 -9.13 -6.66
CA MET A 147 -17.93 -7.88 -5.99
C MET A 147 -19.27 -7.45 -6.55
N ARG A 148 -19.43 -7.46 -7.87
CA ARG A 148 -20.72 -7.15 -8.48
C ARG A 148 -21.81 -8.14 -8.04
N THR A 149 -21.45 -9.42 -7.92
CA THR A 149 -22.40 -10.42 -7.33
C THR A 149 -22.81 -10.11 -5.88
N TYR A 150 -21.84 -9.85 -5.00
CA TYR A 150 -22.19 -9.58 -3.64
C TYR A 150 -23.17 -8.42 -3.68
N LEU A 151 -22.87 -7.37 -4.46
CA LEU A 151 -23.69 -6.18 -4.39
C LEU A 151 -25.07 -6.35 -4.97
N GLN A 152 -25.19 -7.12 -6.06
CA GLN A 152 -26.55 -7.40 -6.62
C GLN A 152 -27.40 -8.12 -5.61
N GLN A 153 -26.82 -9.15 -4.99
CA GLN A 153 -27.57 -9.99 -4.04
C GLN A 153 -27.94 -9.22 -2.76
N VAL A 154 -27.02 -8.40 -2.21
CA VAL A 154 -27.33 -7.64 -1.00
C VAL A 154 -28.32 -6.59 -1.33
N SER A 155 -28.17 -5.89 -2.44
CA SER A 155 -29.13 -4.87 -2.81
C SER A 155 -30.54 -5.47 -2.87
N LEU A 156 -30.66 -6.62 -3.51
CA LEU A 156 -32.01 -7.28 -3.64
C LEU A 156 -32.56 -7.68 -2.28
N ALA A 157 -31.70 -8.28 -1.47
CA ALA A 157 -32.07 -8.77 -0.15
C ALA A 157 -32.39 -7.68 0.86
N TYR A 158 -31.63 -6.58 0.84
CA TYR A 158 -31.81 -5.52 1.78
C TYR A 158 -32.82 -4.49 1.35
N GLY A 159 -32.76 -4.08 0.09
CA GLY A 159 -33.70 -3.10 -0.42
C GLY A 159 -33.73 -1.72 0.15
N LEU A 160 -32.69 -1.31 0.89
CA LEU A 160 -32.63 0.02 1.53
C LEU A 160 -31.18 0.57 1.31
N PRO A 161 -30.98 1.87 1.44
CA PRO A 161 -29.65 2.53 1.33
C PRO A 161 -28.65 1.90 2.25
N PHE A 162 -27.46 1.64 1.73
CA PHE A 162 -26.37 1.05 2.58
C PHE A 162 -25.03 1.57 2.00
N GLY A 163 -23.95 1.26 2.68
CA GLY A 163 -22.63 1.63 2.16
C GLY A 163 -21.75 0.42 2.18
N VAL A 164 -20.58 0.60 1.58
CA VAL A 164 -19.64 -0.46 1.43
C VAL A 164 -18.23 -0.02 1.93
N LYS A 165 -17.55 -0.85 2.72
CA LYS A 165 -16.18 -0.66 3.17
C LYS A 165 -15.20 -1.32 2.19
N MET A 166 -14.34 -0.49 1.60
CA MET A 166 -13.45 -0.91 0.53
C MET A 166 -12.01 -1.02 0.94
N PRO A 167 -11.30 -2.07 0.43
CA PRO A 167 -9.87 -2.03 0.54
C PRO A 167 -9.28 -1.02 -0.41
N PRO A 168 -8.01 -0.62 -0.17
CA PRO A 168 -7.35 0.36 -1.06
C PRO A 168 -7.05 -0.26 -2.40
N TYR A 169 -7.17 0.54 -3.42
CA TYR A 169 -6.57 0.26 -4.73
C TYR A 169 -5.37 1.16 -5.02
N PHE A 170 -4.59 0.69 -5.98
CA PHE A 170 -3.25 1.19 -6.27
C PHE A 170 -3.03 1.43 -7.73
N ASP A 171 -4.08 1.31 -8.53
CA ASP A 171 -3.91 1.33 -9.98
C ASP A 171 -5.10 2.08 -10.56
N ILE A 172 -4.87 3.05 -11.44
CA ILE A 172 -5.98 3.88 -11.93
C ILE A 172 -7.02 3.07 -12.64
N ALA A 173 -6.60 2.05 -13.38
CA ALA A 173 -7.62 1.21 -14.05
C ALA A 173 -8.51 0.57 -13.03
N HIS A 174 -7.92 0.09 -11.92
CA HIS A 174 -8.70 -0.50 -10.88
C HIS A 174 -9.70 0.49 -10.28
N PHE A 175 -9.28 1.73 -10.00
CA PHE A 175 -10.25 2.71 -9.57
C PHE A 175 -11.45 2.82 -10.52
N ASP A 176 -11.13 2.92 -11.82
CA ASP A 176 -12.18 3.07 -12.85
C ASP A 176 -13.14 1.86 -12.80
N THR A 177 -12.59 0.66 -12.69
CA THR A 177 -13.41 -0.55 -12.76
C THR A 177 -14.25 -0.63 -11.48
N ALA A 178 -13.58 -0.41 -10.34
CA ALA A 178 -14.32 -0.57 -9.06
C ALA A 178 -15.44 0.44 -8.96
N ALA A 179 -15.16 1.67 -9.33
CA ALA A 179 -16.14 2.73 -9.25
C ALA A 179 -17.35 2.42 -10.18
N ALA A 180 -17.03 1.89 -11.37
CA ALA A 180 -18.08 1.52 -12.36
C ALA A 180 -18.98 0.47 -11.74
N VAL A 181 -18.37 -0.50 -11.07
CA VAL A 181 -19.15 -1.58 -10.39
C VAL A 181 -20.04 -0.93 -9.33
N LEU A 182 -19.50 -0.07 -8.44
CA LEU A 182 -20.34 0.55 -7.43
C LEU A 182 -21.47 1.39 -7.97
N ASN A 183 -21.19 2.09 -9.06
CA ASN A 183 -22.19 2.98 -9.63
C ASN A 183 -23.37 2.18 -10.27
N GLU A 184 -23.23 0.87 -10.42
CA GLU A 184 -24.36 0.03 -10.96
C GLU A 184 -25.46 -0.09 -9.92
N PHE A 185 -25.13 0.27 -8.66
CA PHE A 185 -26.07 0.00 -7.53
C PHE A 185 -26.50 1.28 -6.86
N PRO A 186 -27.73 1.71 -7.12
CA PRO A 186 -28.21 2.94 -6.58
C PRO A 186 -28.43 2.92 -5.09
N LEU A 187 -28.55 1.73 -4.50
CA LEU A 187 -28.76 1.63 -3.05
C LEU A 187 -27.42 1.83 -2.33
N VAL A 188 -26.30 1.72 -3.05
CA VAL A 188 -24.97 1.96 -2.39
C VAL A 188 -24.83 3.46 -2.32
N LYS A 189 -25.10 4.01 -1.18
CA LYS A 189 -25.13 5.44 -1.03
C LYS A 189 -23.87 6.01 -0.41
N PHE A 190 -23.05 5.18 0.21
CA PHE A 190 -21.75 5.69 0.72
C PHE A 190 -20.70 4.61 0.54
N VAL A 191 -19.48 5.08 0.31
CA VAL A 191 -18.36 4.21 0.09
C VAL A 191 -17.36 4.61 1.17
N THR A 192 -16.85 3.67 1.95
CA THR A 192 -15.81 4.01 2.94
C THR A 192 -14.44 3.57 2.47
N CYS A 193 -13.54 4.54 2.32
CA CYS A 193 -12.19 4.30 1.78
C CYS A 193 -11.22 4.73 2.87
N VAL A 194 -10.43 3.85 3.53
CA VAL A 194 -10.14 2.52 3.17
C VAL A 194 -10.01 1.61 4.37
N ASN A 195 -10.16 0.31 4.10
CA ASN A 195 -9.77 -0.71 5.05
C ASN A 195 -8.23 -0.74 5.14
N SER A 196 -7.66 -1.60 5.97
CA SER A 196 -6.21 -1.66 6.19
C SER A 196 -5.46 -2.04 4.93
N VAL A 197 -4.25 -1.54 4.78
CA VAL A 197 -3.46 -1.88 3.61
C VAL A 197 -3.00 -3.37 3.79
N GLY A 198 -3.46 -4.24 2.91
CA GLY A 198 -3.31 -5.71 3.12
C GLY A 198 -1.89 -6.24 3.25
N ASN A 199 -1.75 -7.20 4.14
CA ASN A 199 -0.57 -8.07 4.16
C ASN A 199 0.79 -7.34 4.11
N GLY A 200 0.94 -6.39 5.03
CA GLY A 200 2.26 -5.91 5.41
C GLY A 200 2.90 -6.88 6.40
N LEU A 201 4.15 -6.57 6.71
CA LEU A 201 4.97 -7.38 7.58
C LEU A 201 5.86 -6.48 8.44
N VAL A 202 5.65 -6.48 9.77
CA VAL A 202 6.50 -5.79 10.70
C VAL A 202 7.39 -6.82 11.39
N ILE A 203 8.68 -6.49 11.47
CA ILE A 203 9.69 -7.35 12.04
C ILE A 203 10.37 -6.53 13.08
N ASP A 204 10.59 -7.12 14.24
CA ASP A 204 11.35 -6.51 15.34
C ASP A 204 12.85 -6.82 15.23
N ALA A 205 13.68 -5.79 15.10
CA ALA A 205 15.10 -6.04 14.87
C ALA A 205 15.78 -6.79 16.04
N GLU A 206 15.44 -6.43 17.28
CA GLU A 206 16.07 -7.02 18.47
C GLU A 206 15.82 -8.52 18.67
N SER A 207 14.58 -8.95 18.46
CA SER A 207 14.20 -10.33 18.54
C SER A 207 14.30 -11.10 17.24
N GLU A 208 14.46 -10.39 16.12
CA GLU A 208 14.54 -10.98 14.76
C GLU A 208 13.27 -11.76 14.41
N SER A 209 12.16 -11.27 14.92
CA SER A 209 10.89 -11.95 14.84
C SER A 209 9.82 -11.04 14.34
N VAL A 210 8.86 -11.63 13.67
CA VAL A 210 7.64 -10.93 13.35
C VAL A 210 6.89 -10.65 14.64
N VAL A 211 5.90 -9.75 14.58
CA VAL A 211 5.33 -9.23 15.82
C VAL A 211 3.90 -9.65 16.12
N ILE A 212 3.23 -10.24 15.14
CA ILE A 212 2.02 -10.90 15.35
C ILE A 212 2.09 -12.42 14.95
N LYS A 213 1.29 -13.21 15.62
CA LYS A 213 1.32 -14.69 15.52
C LYS A 213 0.66 -15.27 14.30
N PRO A 214 -0.53 -14.76 13.90
CA PRO A 214 -1.24 -15.39 12.77
C PRO A 214 -0.50 -15.10 11.43
N LYS A 215 -0.67 -15.98 10.46
CA LYS A 215 -0.27 -15.72 9.09
C LYS A 215 1.22 -15.40 8.94
N GLN A 216 2.06 -16.02 9.78
CA GLN A 216 3.51 -15.83 9.78
C GLN A 216 3.89 -14.37 9.88
N GLY A 217 3.03 -13.61 10.61
CA GLY A 217 3.29 -12.20 10.93
C GLY A 217 2.71 -11.21 9.94
N PHE A 218 2.08 -11.66 8.85
CA PHE A 218 1.52 -10.78 7.82
C PHE A 218 0.17 -10.28 8.29
N GLY A 219 -0.10 -8.99 8.13
CA GLY A 219 -1.46 -8.45 8.48
C GLY A 219 -1.68 -7.06 7.95
N GLY A 220 -2.90 -6.54 8.12
CA GLY A 220 -3.30 -5.28 7.57
C GLY A 220 -2.62 -4.12 8.33
N LEU A 221 -2.19 -3.11 7.58
CA LEU A 221 -1.57 -1.92 8.12
C LEU A 221 -2.58 -0.76 8.22
N GLY A 222 -2.47 -0.08 9.33
CA GLY A 222 -3.13 1.18 9.54
C GLY A 222 -2.23 2.23 10.11
N GLY A 223 -2.80 3.42 10.27
CA GLY A 223 -2.05 4.49 10.85
C GLY A 223 -1.26 5.34 9.83
N LYS A 224 -0.16 5.96 10.30
CA LYS A 224 0.57 6.92 9.52
C LYS A 224 1.10 6.36 8.21
N TYR A 225 1.39 5.07 8.17
CA TYR A 225 1.81 4.44 6.95
C TYR A 225 0.87 4.66 5.77
N ILE A 226 -0.43 4.76 6.06
CA ILE A 226 -1.42 4.64 5.00
C ILE A 226 -2.18 5.90 4.61
N LEU A 227 -1.85 7.02 5.22
CA LEU A 227 -2.60 8.27 4.98
C LEU A 227 -2.62 8.68 3.49
N PRO A 228 -1.46 8.67 2.77
CA PRO A 228 -1.55 9.07 1.37
C PRO A 228 -2.33 8.08 0.47
N THR A 229 -2.24 6.79 0.83
CA THR A 229 -3.03 5.80 0.17
C THR A 229 -4.50 6.06 0.41
N ALA A 230 -4.86 6.29 1.67
CA ALA A 230 -6.28 6.58 2.03
C ALA A 230 -6.81 7.84 1.30
N LEU A 231 -6.05 8.94 1.29
CA LEU A 231 -6.44 10.16 0.61
C LEU A 231 -6.64 9.94 -0.86
N ALA A 232 -5.80 9.11 -1.47
CA ALA A 232 -5.91 8.85 -2.92
C ALA A 232 -7.20 8.13 -3.19
N ASN A 233 -7.53 7.15 -2.33
CA ASN A 233 -8.72 6.38 -2.61
C ASN A 233 -10.01 7.20 -2.35
N VAL A 234 -9.99 7.97 -1.28
CA VAL A 234 -11.09 8.88 -1.00
C VAL A 234 -11.32 9.76 -2.22
N ASN A 235 -10.27 10.37 -2.72
CA ASN A 235 -10.47 11.32 -3.79
C ASN A 235 -10.84 10.62 -5.11
N ALA A 236 -10.26 9.42 -5.35
CA ALA A 236 -10.56 8.71 -6.60
C ALA A 236 -12.03 8.34 -6.68
N PHE A 237 -12.61 7.91 -5.53
CA PHE A 237 -13.99 7.53 -5.49
C PHE A 237 -14.87 8.75 -5.44
N TYR A 238 -14.40 9.84 -4.82
CA TYR A 238 -15.21 11.05 -4.74
C TYR A 238 -15.37 11.58 -6.17
N ARG A 239 -14.29 11.55 -6.92
CA ARG A 239 -14.36 11.96 -8.33
C ARG A 239 -15.27 11.04 -9.19
N ARG A 240 -15.20 9.75 -8.99
CA ARG A 240 -15.87 8.79 -9.85
C ARG A 240 -17.31 8.45 -9.45
N CYS A 241 -17.72 8.82 -8.25
CA CYS A 241 -19.05 8.47 -7.70
C CYS A 241 -19.75 9.74 -7.23
N PRO A 242 -20.13 10.59 -8.18
CA PRO A 242 -20.73 11.85 -7.78
C PRO A 242 -22.09 11.75 -7.15
N ASP A 243 -22.82 10.67 -7.33
CA ASP A 243 -24.09 10.51 -6.63
C ASP A 243 -24.04 9.71 -5.32
N LYS A 244 -22.82 9.39 -4.84
CA LYS A 244 -22.63 8.76 -3.54
C LYS A 244 -21.83 9.69 -2.61
N LEU A 245 -21.88 9.37 -1.33
CA LEU A 245 -21.02 9.95 -0.34
C LEU A 245 -19.77 9.09 -0.22
N VAL A 246 -18.65 9.71 0.15
CA VAL A 246 -17.43 8.95 0.49
C VAL A 246 -17.10 9.22 1.95
N PHE A 247 -16.79 8.18 2.71
CA PHE A 247 -16.40 8.28 4.10
C PHE A 247 -14.90 8.00 4.10
N GLY A 248 -14.07 8.82 4.77
CA GLY A 248 -12.62 8.57 4.76
C GLY A 248 -12.17 7.83 5.98
N CYS A 249 -11.25 6.90 5.81
CA CYS A 249 -10.67 6.17 6.87
C CYS A 249 -9.23 5.88 6.52
N GLY A 250 -8.29 6.13 7.44
CA GLY A 250 -6.90 5.80 7.20
C GLY A 250 -5.98 6.91 7.61
N GLY A 251 -5.26 6.70 8.68
CA GLY A 251 -4.19 7.57 9.00
C GLY A 251 -4.61 8.86 9.67
N VAL A 252 -5.80 8.87 10.31
CA VAL A 252 -6.24 10.07 10.97
C VAL A 252 -5.73 10.09 12.43
N TYR A 253 -4.79 11.01 12.77
CA TYR A 253 -4.36 11.25 14.13
C TYR A 253 -4.65 12.67 14.66
N SER A 254 -5.10 13.58 13.82
CA SER A 254 -5.18 15.05 14.11
C SER A 254 -6.25 15.64 13.29
N GLY A 255 -6.73 16.80 13.73
CA GLY A 255 -7.69 17.54 12.95
C GLY A 255 -7.16 17.87 11.55
N GLU A 256 -5.85 18.13 11.44
CA GLU A 256 -5.22 18.35 10.15
C GLU A 256 -5.37 17.16 9.23
N ASP A 257 -5.14 15.96 9.75
CA ASP A 257 -5.38 14.79 8.93
C ASP A 257 -6.85 14.68 8.47
N ALA A 258 -7.78 14.95 9.38
CA ALA A 258 -9.16 14.94 9.02
C ALA A 258 -9.51 16.03 7.98
N PHE A 259 -8.92 17.22 8.14
CA PHE A 259 -9.05 18.28 7.17
C PHE A 259 -8.66 17.78 5.77
N LEU A 260 -7.54 17.09 5.69
CA LEU A 260 -7.08 16.55 4.38
C LEU A 260 -8.07 15.53 3.80
N HIS A 261 -8.58 14.62 4.65
CA HIS A 261 -9.60 13.72 4.22
C HIS A 261 -10.83 14.46 3.63
N ILE A 262 -11.27 15.52 4.31
CA ILE A 262 -12.46 16.27 3.89
C ILE A 262 -12.15 17.00 2.59
N LEU A 263 -10.95 17.57 2.46
CA LEU A 263 -10.55 18.20 1.23
C LEU A 263 -10.58 17.25 0.01
N ALA A 264 -10.19 16.01 0.25
CA ALA A 264 -10.13 14.94 -0.75
C ALA A 264 -11.54 14.47 -1.12
N GLY A 265 -12.51 14.77 -0.23
CA GLY A 265 -13.91 14.49 -0.48
C GLY A 265 -14.71 13.79 0.64
N ALA A 266 -14.11 13.44 1.76
CA ALA A 266 -14.79 12.73 2.82
C ALA A 266 -15.95 13.52 3.46
N SER A 267 -17.05 12.80 3.69
CA SER A 267 -18.21 13.33 4.42
C SER A 267 -18.02 12.99 5.89
N MET A 268 -17.90 11.73 6.21
CA MET A 268 -17.54 11.31 7.57
C MET A 268 -16.06 10.89 7.52
N VAL A 269 -15.47 10.89 8.71
CA VAL A 269 -14.04 10.60 8.90
C VAL A 269 -13.93 9.61 10.08
N GLN A 270 -13.37 8.45 9.77
CA GLN A 270 -13.26 7.32 10.68
C GLN A 270 -11.86 7.27 11.24
N VAL A 271 -11.77 6.82 12.51
CA VAL A 271 -10.54 6.82 13.23
C VAL A 271 -10.34 5.37 13.75
N GLY A 272 -9.26 4.71 13.31
CA GLY A 272 -8.97 3.36 13.72
C GLY A 272 -7.76 3.30 14.68
N THR A 273 -6.56 3.13 14.12
CA THR A 273 -5.32 2.99 14.93
C THR A 273 -5.22 4.06 16.01
N ALA A 274 -5.44 5.32 15.65
CA ALA A 274 -5.19 6.42 16.60
C ALA A 274 -6.16 6.37 17.80
N LEU A 275 -7.34 5.87 17.53
CA LEU A 275 -8.39 5.61 18.55
C LEU A 275 -8.01 4.42 19.44
N GLN A 276 -7.59 3.36 18.80
CA GLN A 276 -7.12 2.21 19.54
C GLN A 276 -5.98 2.64 20.52
N GLU A 277 -5.11 3.54 20.05
CA GLU A 277 -3.94 3.93 20.84
C GLU A 277 -4.24 4.96 21.89
N GLU A 278 -5.08 5.93 21.57
CA GLU A 278 -5.29 7.09 22.40
C GLU A 278 -6.53 6.98 23.27
N GLY A 279 -7.50 6.19 22.84
CA GLY A 279 -8.74 6.05 23.52
C GLY A 279 -9.73 7.13 23.03
N PRO A 280 -10.99 7.09 23.50
CA PRO A 280 -12.13 7.89 23.00
C PRO A 280 -12.02 9.38 23.29
N GLY A 281 -11.11 9.78 24.20
CA GLY A 281 -10.81 11.19 24.33
C GLY A 281 -10.27 11.82 23.05
N ILE A 282 -9.74 11.02 22.11
CA ILE A 282 -9.26 11.53 20.90
C ILE A 282 -10.34 12.38 20.17
N PHE A 283 -11.61 12.06 20.35
CA PHE A 283 -12.66 12.76 19.57
C PHE A 283 -12.82 14.24 19.92
N THR A 284 -12.63 14.60 21.17
CA THR A 284 -12.72 16.00 21.52
C THR A 284 -11.50 16.78 20.96
N ARG A 285 -10.34 16.20 20.97
CA ARG A 285 -9.18 16.81 20.41
C ARG A 285 -9.31 16.97 18.91
N LEU A 286 -9.71 15.90 18.23
CA LEU A 286 -9.88 16.00 16.80
C LEU A 286 -10.87 17.11 16.40
N GLU A 287 -12.00 17.22 17.08
CA GLU A 287 -12.97 18.29 16.78
C GLU A 287 -12.36 19.66 17.00
N ASP A 288 -11.67 19.82 18.14
CA ASP A 288 -11.07 21.10 18.51
C ASP A 288 -10.07 21.53 17.46
N GLU A 289 -9.24 20.56 17.03
CA GLU A 289 -8.16 20.79 16.07
C GLU A 289 -8.76 21.13 14.71
N LEU A 290 -9.75 20.40 14.26
CA LEU A 290 -10.41 20.66 12.97
C LEU A 290 -11.10 22.05 13.00
N LEU A 291 -11.72 22.40 14.12
CA LEU A 291 -12.37 23.71 14.21
C LEU A 291 -11.33 24.82 14.19
N GLU A 292 -10.18 24.58 14.79
CA GLU A 292 -9.12 25.59 14.80
C GLU A 292 -8.57 25.83 13.41
N ILE A 293 -8.31 24.74 12.67
CA ILE A 293 -7.86 24.89 11.27
C ILE A 293 -8.87 25.68 10.43
N MET A 294 -10.16 25.30 10.52
CA MET A 294 -11.25 26.03 9.83
C MET A 294 -11.22 27.52 10.19
N ALA A 295 -11.20 27.84 11.48
CA ALA A 295 -11.22 29.25 11.92
C ALA A 295 -10.04 30.03 11.36
N ARG A 296 -8.83 29.43 11.37
CA ARG A 296 -7.66 30.16 10.82
C ARG A 296 -7.79 30.39 9.26
N LYS A 297 -8.50 29.52 8.56
CA LYS A 297 -8.70 29.64 7.12
C LYS A 297 -9.93 30.44 6.77
N GLY A 298 -10.76 30.78 7.73
CA GLY A 298 -12.05 31.41 7.47
C GLY A 298 -13.15 30.52 7.00
N TYR A 299 -13.04 29.21 7.18
CA TYR A 299 -14.11 28.36 6.73
C TYR A 299 -15.14 28.28 7.86
N ARG A 300 -16.42 28.38 7.53
CA ARG A 300 -17.49 28.25 8.50
C ARG A 300 -18.23 26.88 8.45
N THR A 301 -18.10 26.12 7.37
CA THR A 301 -18.81 24.88 7.17
C THR A 301 -17.85 23.89 6.55
N LEU A 302 -18.14 22.60 6.71
CA LEU A 302 -17.41 21.56 5.97
C LEU A 302 -17.64 21.60 4.48
N GLU A 303 -18.86 22.03 4.10
CA GLU A 303 -19.29 22.05 2.72
C GLU A 303 -18.42 23.02 1.93
N GLU A 304 -17.88 24.04 2.60
CA GLU A 304 -17.10 25.07 1.89
C GLU A 304 -15.82 24.52 1.29
N PHE A 305 -15.27 23.46 1.89
CA PHE A 305 -14.00 22.85 1.38
C PHE A 305 -14.05 21.33 1.10
N ARG A 306 -15.17 20.69 1.32
CA ARG A 306 -15.22 19.25 1.07
C ARG A 306 -15.00 19.02 -0.43
N GLY A 307 -14.05 18.15 -0.74
CA GLY A 307 -13.68 17.81 -2.09
C GLY A 307 -13.01 18.89 -2.90
N ARG A 308 -12.57 19.94 -2.25
CA ARG A 308 -11.98 21.08 -2.95
C ARG A 308 -10.48 21.12 -2.98
N VAL A 309 -9.82 19.99 -2.80
CA VAL A 309 -8.38 19.92 -2.99
C VAL A 309 -8.07 20.49 -4.35
N LYS A 310 -7.06 21.31 -4.37
CA LYS A 310 -6.58 21.88 -5.63
C LYS A 310 -5.53 21.04 -6.37
N THR A 311 -5.63 21.03 -7.69
CA THR A 311 -4.61 20.39 -8.52
C THR A 311 -3.71 21.48 -9.09
N ILE A 312 -2.55 21.11 -9.65
CA ILE A 312 -1.61 22.10 -10.24
C ILE A 312 -1.84 22.13 -11.78
N GLU A 313 -2.17 23.31 -12.33
CA GLU A 313 -2.66 23.47 -13.72
C GLU A 313 -3.62 22.34 -14.16
N MET B 1 34.30 -9.87 10.34
CA MET B 1 32.89 -9.40 10.02
C MET B 1 32.75 -8.80 8.62
N CYS B 2 31.77 -9.22 7.85
CA CYS B 2 31.90 -9.19 6.44
C CYS B 2 30.59 -8.86 5.73
N LEU B 3 30.56 -7.82 4.89
CA LEU B 3 29.30 -7.53 4.11
C LEU B 3 29.33 -8.03 2.67
N LYS B 4 30.43 -8.68 2.28
CA LYS B 4 30.57 -9.27 0.94
C LYS B 4 29.50 -10.25 0.53
N LEU B 5 29.17 -10.22 -0.76
CA LEU B 5 28.26 -11.16 -1.38
C LEU B 5 28.82 -11.64 -2.70
N ASN B 6 28.53 -12.88 -3.01
CA ASN B 6 28.91 -13.42 -4.30
C ASN B 6 27.69 -14.03 -4.88
N LEU B 7 27.18 -13.39 -5.93
CA LEU B 7 25.99 -13.90 -6.57
C LEU B 7 25.86 -13.52 -8.02
N LEU B 8 25.04 -14.25 -8.76
CA LEU B 8 24.87 -14.01 -10.17
C LEU B 8 26.24 -13.88 -10.84
N ASP B 9 27.21 -14.64 -10.37
CA ASP B 9 28.55 -14.67 -10.95
C ASP B 9 29.31 -13.37 -10.88
N HIS B 10 28.94 -12.55 -9.88
CA HIS B 10 29.68 -11.34 -9.57
C HIS B 10 29.97 -11.25 -8.12
N VAL B 11 30.93 -10.42 -7.76
CA VAL B 11 31.27 -10.21 -6.38
C VAL B 11 30.94 -8.75 -6.02
N PHE B 12 30.31 -8.60 -4.87
CA PHE B 12 29.80 -7.33 -4.36
C PHE B 12 30.45 -7.05 -2.99
N ALA B 13 31.03 -5.88 -2.81
CA ALA B 13 31.67 -5.52 -1.54
C ALA B 13 30.65 -5.45 -0.39
N ASN B 14 29.40 -5.11 -0.71
CA ASN B 14 28.35 -4.98 0.27
C ASN B 14 27.02 -5.06 -0.49
N PRO B 15 25.88 -5.20 0.18
CA PRO B 15 24.63 -5.42 -0.50
C PRO B 15 23.92 -4.14 -0.98
N PHE B 16 24.47 -2.97 -0.71
CA PHE B 16 23.74 -1.70 -0.97
C PHE B 16 23.89 -1.24 -2.36
N MET B 17 22.77 -0.76 -2.97
CA MET B 17 22.83 -0.14 -4.29
C MET B 17 21.73 0.90 -4.33
N ASN B 18 21.77 1.80 -5.32
CA ASN B 18 20.63 2.69 -5.51
C ASN B 18 19.42 1.90 -6.01
N ALA B 19 18.20 2.41 -5.77
CA ALA B 19 16.96 1.95 -6.39
C ALA B 19 16.88 2.57 -7.78
N ALA B 20 16.41 1.81 -8.77
CA ALA B 20 16.32 2.35 -10.10
C ALA B 20 15.50 3.66 -10.05
N GLY B 21 16.00 4.65 -10.79
CA GLY B 21 15.39 5.94 -10.96
C GLY B 21 16.05 6.98 -10.08
N VAL B 22 16.77 6.58 -9.06
CA VAL B 22 17.43 7.60 -8.17
C VAL B 22 18.93 7.60 -8.44
N LEU B 23 19.46 8.81 -8.72
CA LEU B 23 20.88 9.05 -8.92
C LEU B 23 21.46 8.14 -9.98
N CYS B 24 20.77 8.05 -11.12
CA CYS B 24 21.20 7.09 -12.18
C CYS B 24 20.71 7.40 -13.59
N SER B 25 20.34 8.64 -13.86
CA SER B 25 19.85 8.96 -15.17
C SER B 25 20.90 9.45 -16.15
N THR B 26 21.89 10.20 -15.68
CA THR B 26 22.86 10.82 -16.57
C THR B 26 24.20 10.12 -16.38
N GLU B 27 25.15 10.38 -17.27
CA GLU B 27 26.54 9.89 -17.07
C GLU B 27 27.10 10.41 -15.73
N GLU B 28 26.85 11.68 -15.45
CA GLU B 28 27.28 12.23 -14.20
C GLU B 28 26.74 11.41 -13.00
N ASP B 29 25.44 11.13 -13.01
CA ASP B 29 24.82 10.30 -11.95
C ASP B 29 25.52 8.96 -11.78
N LEU B 30 25.72 8.31 -12.93
CA LEU B 30 26.23 6.93 -12.93
C LEU B 30 27.66 6.95 -12.44
N ARG B 31 28.46 7.93 -12.84
CA ARG B 31 29.81 8.08 -12.29
C ARG B 31 29.83 8.38 -10.80
N CYS B 32 28.87 9.19 -10.33
CA CYS B 32 28.70 9.45 -8.92
C CYS B 32 28.38 8.17 -8.18
N MET B 33 27.39 7.40 -8.65
CA MET B 33 27.07 6.15 -7.97
C MET B 33 28.30 5.22 -7.99
N THR B 34 29.07 5.21 -9.10
CA THR B 34 30.23 4.31 -9.18
C THR B 34 31.28 4.75 -8.15
N ALA B 35 31.45 6.07 -7.95
CA ALA B 35 32.43 6.56 -6.99
C ALA B 35 32.06 6.38 -5.50
N SER B 36 30.78 6.10 -5.26
CA SER B 36 30.24 5.95 -3.91
C SER B 36 30.66 4.61 -3.31
N SER B 37 30.34 4.42 -2.04
CA SER B 37 30.64 3.16 -1.38
C SER B 37 29.66 2.06 -1.65
N SER B 38 28.64 2.31 -2.50
CA SER B 38 27.67 1.24 -2.79
C SER B 38 28.34 -0.02 -3.37
N GLY B 39 27.74 -1.19 -3.13
CA GLY B 39 28.31 -2.42 -3.68
C GLY B 39 27.90 -2.64 -5.12
N ALA B 40 26.88 -1.92 -5.62
CA ALA B 40 26.51 -1.97 -7.06
C ALA B 40 25.68 -0.72 -7.39
N LEU B 41 25.31 -0.59 -8.67
CA LEU B 41 24.41 0.47 -9.13
C LEU B 41 23.54 -0.07 -10.20
N VAL B 42 22.39 0.59 -10.38
CA VAL B 42 21.44 0.25 -11.44
C VAL B 42 21.10 1.57 -12.18
N SER B 43 20.99 1.51 -13.51
CA SER B 43 20.68 2.71 -14.32
C SER B 43 19.15 3.00 -14.29
N LYS B 44 18.79 4.24 -14.62
CA LYS B 44 17.41 4.63 -14.74
C LYS B 44 16.72 3.72 -15.72
N SER B 45 15.48 3.32 -15.41
CA SER B 45 14.68 2.57 -16.39
C SER B 45 14.62 3.31 -17.68
N CYS B 46 14.94 2.63 -18.79
CA CYS B 46 14.97 3.31 -20.08
C CYS B 46 13.91 2.81 -21.09
N THR B 47 13.70 3.66 -22.10
CA THR B 47 12.88 3.39 -23.22
C THR B 47 13.75 3.43 -24.48
N SER B 48 13.24 2.95 -25.61
CA SER B 48 14.02 2.98 -26.86
C SER B 48 14.38 4.41 -27.25
N ALA B 49 13.43 5.32 -27.14
CA ALA B 49 13.71 6.74 -27.49
C ALA B 49 13.94 7.51 -26.15
N PRO B 50 14.76 8.56 -26.18
CA PRO B 50 14.82 9.48 -25.00
C PRO B 50 13.45 10.09 -24.70
N ARG B 51 13.21 10.35 -23.41
CA ARG B 51 11.97 10.94 -22.96
C ARG B 51 12.24 12.07 -21.97
N ASP B 52 11.45 13.15 -22.10
CA ASP B 52 11.54 14.28 -21.19
C ASP B 52 10.78 13.99 -19.85
N GLY B 53 9.82 13.09 -19.91
CA GLY B 53 8.98 12.73 -18.77
C GLY B 53 7.92 13.76 -18.51
N ASN B 54 7.37 13.72 -17.32
CA ASN B 54 6.19 14.55 -17.00
C ASN B 54 6.55 15.98 -16.61
N PRO B 55 5.57 16.90 -16.71
CA PRO B 55 5.78 18.20 -16.13
C PRO B 55 6.13 18.25 -14.62
N GLU B 56 6.92 19.27 -14.25
CA GLU B 56 7.30 19.54 -12.86
C GLU B 56 6.30 20.41 -12.17
N PRO B 57 6.19 20.29 -10.85
CA PRO B 57 6.90 19.36 -9.95
C PRO B 57 6.39 17.93 -10.10
N ARG B 58 7.31 16.96 -10.08
CA ARG B 58 6.92 15.58 -10.29
C ARG B 58 7.49 14.63 -9.24
N TYR B 59 8.28 15.16 -8.30
CA TYR B 59 8.79 14.41 -7.15
C TYR B 59 8.73 15.33 -6.01
N MET B 60 8.29 14.86 -4.85
CA MET B 60 8.37 15.62 -3.62
C MET B 60 8.65 14.69 -2.44
N ALA B 61 9.42 15.17 -1.48
CA ALA B 61 9.75 14.36 -0.33
C ALA B 61 9.34 15.04 0.95
N PHE B 62 9.18 14.27 1.99
CA PHE B 62 8.61 14.71 3.26
C PHE B 62 9.20 13.78 4.35
N PRO B 63 8.97 14.10 5.65
CA PRO B 63 9.59 13.33 6.70
C PRO B 63 9.34 11.80 6.60
N LEU B 64 8.17 11.44 6.14
CA LEU B 64 7.78 10.02 6.02
C LEU B 64 8.01 9.34 4.68
N GLY B 65 8.46 10.09 3.68
CA GLY B 65 8.84 9.49 2.37
C GLY B 65 8.58 10.40 1.23
N SER B 66 8.26 9.84 0.06
CA SER B 66 8.24 10.61 -1.17
C SER B 66 7.04 10.12 -2.02
N ILE B 67 6.65 10.98 -2.96
CA ILE B 67 5.70 10.73 -3.97
C ILE B 67 6.27 11.18 -5.30
N ASN B 68 6.07 10.39 -6.36
CA ASN B 68 6.56 10.72 -7.68
C ASN B 68 5.66 10.26 -8.81
N SER B 69 5.62 11.08 -9.84
CA SER B 69 5.15 10.66 -11.10
C SER B 69 6.04 11.18 -12.19
N MET B 70 7.25 10.62 -12.22
CA MET B 70 8.29 11.19 -13.06
C MET B 70 7.98 11.08 -14.55
N GLY B 71 7.30 10.00 -14.95
CA GLY B 71 6.95 9.72 -16.33
C GLY B 71 8.07 9.16 -17.18
N LEU B 72 8.95 8.38 -16.55
CA LEU B 72 10.00 7.73 -17.24
C LEU B 72 10.94 8.63 -18.03
N PRO B 73 11.36 9.76 -17.46
CA PRO B 73 12.37 10.61 -18.18
C PRO B 73 13.70 9.84 -18.23
N ASN B 74 14.37 9.77 -19.39
CA ASN B 74 15.56 8.98 -19.49
C ASN B 74 16.24 9.38 -20.82
N LEU B 75 17.52 9.09 -20.89
CA LEU B 75 18.34 9.49 -22.03
C LEU B 75 18.22 8.58 -23.22
N GLY B 76 17.44 7.53 -23.03
CA GLY B 76 17.23 6.50 -24.05
C GLY B 76 18.20 5.32 -24.01
N PHE B 77 17.77 4.18 -24.54
CA PHE B 77 18.54 2.96 -24.50
C PHE B 77 19.91 3.05 -25.02
N ASP B 78 20.11 3.74 -26.15
CA ASP B 78 21.42 3.78 -26.72
C ASP B 78 22.44 4.33 -25.73
N PHE B 79 22.05 5.38 -25.02
CA PHE B 79 22.92 5.93 -24.02
C PHE B 79 23.27 4.93 -22.91
N TYR B 80 22.28 4.26 -22.32
CA TYR B 80 22.59 3.31 -21.20
C TYR B 80 23.39 2.09 -21.70
N LEU B 81 23.12 1.68 -22.93
CA LEU B 81 23.92 0.61 -23.54
C LEU B 81 25.35 1.02 -23.78
N LYS B 82 25.53 2.26 -24.27
CA LYS B 82 26.88 2.79 -24.45
C LYS B 82 27.61 2.90 -23.09
N TYR B 83 26.89 3.31 -22.05
CA TYR B 83 27.47 3.42 -20.69
C TYR B 83 27.98 2.04 -20.27
N ALA B 84 27.14 1.04 -20.44
CA ALA B 84 27.48 -0.34 -20.10
C ALA B 84 28.64 -0.93 -20.92
N SER B 85 28.67 -0.53 -22.17
CA SER B 85 29.52 -1.13 -23.15
C SER B 85 30.94 -0.50 -23.09
N ASP B 86 31.00 0.81 -22.92
CA ASP B 86 32.16 1.57 -23.10
C ASP B 86 32.61 2.43 -21.95
N LEU B 87 31.72 2.82 -21.03
CA LEU B 87 32.08 3.80 -20.02
C LEU B 87 32.22 3.26 -18.61
N HIS B 88 31.40 2.29 -18.22
CA HIS B 88 31.38 1.82 -16.85
C HIS B 88 32.66 1.08 -16.52
N ASP B 89 33.22 1.32 -15.34
CA ASP B 89 34.40 0.59 -14.87
C ASP B 89 33.93 -0.56 -13.98
N TYR B 90 33.90 -1.75 -14.54
CA TYR B 90 33.43 -2.92 -13.84
C TYR B 90 34.42 -3.36 -12.73
N SER B 91 35.61 -2.82 -12.69
CA SER B 91 36.54 -3.19 -11.62
C SER B 91 36.11 -2.47 -10.34
N LYS B 92 35.31 -1.42 -10.46
CA LYS B 92 34.75 -0.74 -9.30
C LYS B 92 33.61 -1.53 -8.65
N LYS B 93 32.59 -1.88 -9.42
CA LYS B 93 31.44 -2.61 -8.91
C LYS B 93 30.58 -3.07 -10.07
N PRO B 94 29.67 -4.01 -9.86
CA PRO B 94 28.75 -4.44 -10.90
C PRO B 94 27.70 -3.42 -11.24
N LEU B 95 27.29 -3.45 -12.50
CA LEU B 95 26.25 -2.60 -13.04
C LEU B 95 25.02 -3.41 -13.43
N PHE B 96 23.87 -2.92 -13.02
CA PHE B 96 22.58 -3.35 -13.52
C PHE B 96 22.00 -2.34 -14.44
N LEU B 97 21.30 -2.78 -15.49
CA LEU B 97 20.64 -1.90 -16.42
C LEU B 97 19.19 -2.19 -16.38
N SER B 98 18.37 -1.18 -16.10
CA SER B 98 16.93 -1.38 -15.92
C SER B 98 16.26 -0.96 -17.23
N ILE B 99 15.35 -1.77 -17.72
CA ILE B 99 14.56 -1.43 -18.94
C ILE B 99 13.10 -1.43 -18.68
N SER B 100 12.39 -0.48 -19.30
CA SER B 100 10.99 -0.35 -19.06
C SER B 100 10.29 0.12 -20.37
N GLY B 101 10.42 -0.69 -21.41
CA GLY B 101 9.65 -0.44 -22.65
C GLY B 101 8.15 -0.33 -22.46
N LEU B 102 7.57 0.45 -23.38
CA LEU B 102 6.16 0.72 -23.36
C LEU B 102 5.27 -0.31 -24.02
N SER B 103 5.90 -1.33 -24.62
CA SER B 103 5.19 -2.47 -25.16
C SER B 103 6.14 -3.65 -25.08
N VAL B 104 5.63 -4.86 -25.26
CA VAL B 104 6.50 -6.00 -25.31
C VAL B 104 7.51 -5.91 -26.42
N GLU B 105 7.10 -5.41 -27.60
CA GLU B 105 8.03 -5.33 -28.73
C GLU B 105 9.25 -4.43 -28.43
N GLU B 106 8.98 -3.34 -27.74
CA GLU B 106 10.02 -2.39 -27.34
C GLU B 106 11.02 -3.01 -26.38
N ASN B 107 10.52 -3.80 -25.44
CA ASN B 107 11.39 -4.52 -24.47
C ASN B 107 12.20 -5.58 -25.20
N VAL B 108 11.54 -6.32 -26.12
CA VAL B 108 12.25 -7.34 -26.92
C VAL B 108 13.37 -6.74 -27.74
N ALA B 109 13.11 -5.60 -28.35
CA ALA B 109 14.12 -4.96 -29.22
C ALA B 109 15.32 -4.56 -28.36
N MET B 110 15.05 -4.00 -27.18
CA MET B 110 16.19 -3.60 -26.29
C MET B 110 16.96 -4.78 -25.76
N VAL B 111 16.28 -5.82 -25.26
CA VAL B 111 17.02 -6.96 -24.71
C VAL B 111 17.84 -7.71 -25.79
N ARG B 112 17.37 -7.71 -27.01
CA ARG B 112 18.17 -8.34 -28.09
C ARG B 112 19.48 -7.70 -28.28
N ARG B 113 19.50 -6.38 -28.19
CA ARG B 113 20.74 -5.65 -28.31
C ARG B 113 21.61 -5.57 -27.05
N LEU B 114 21.00 -5.68 -25.88
CA LEU B 114 21.78 -5.78 -24.64
C LEU B 114 22.52 -7.11 -24.50
N ALA B 115 21.93 -8.18 -25.02
CA ALA B 115 22.50 -9.55 -24.82
C ALA B 115 24.02 -9.65 -25.07
N PRO B 116 24.50 -9.21 -26.25
CA PRO B 116 25.97 -9.38 -26.47
C PRO B 116 26.81 -8.54 -25.49
N VAL B 117 26.27 -7.41 -25.02
CA VAL B 117 27.00 -6.60 -24.04
C VAL B 117 26.96 -7.28 -22.66
N ALA B 118 25.82 -7.85 -22.29
CA ALA B 118 25.74 -8.65 -21.07
C ALA B 118 26.74 -9.76 -21.09
N GLN B 119 26.79 -10.49 -22.21
CA GLN B 119 27.78 -11.59 -22.36
C GLN B 119 29.19 -11.15 -22.27
N GLU B 120 29.55 -10.10 -22.96
CA GLU B 120 30.89 -9.63 -22.94
C GLU B 120 31.33 -8.92 -21.68
N LYS B 121 30.49 -8.03 -21.12
CA LYS B 121 30.93 -7.17 -19.99
C LYS B 121 30.36 -7.57 -18.64
N GLY B 122 29.26 -8.29 -18.66
CA GLY B 122 28.66 -8.83 -17.43
C GLY B 122 27.66 -7.85 -16.80
N VAL B 123 27.21 -6.84 -17.56
CA VAL B 123 26.06 -6.02 -17.16
C VAL B 123 24.83 -6.88 -16.93
N LEU B 124 24.05 -6.61 -15.87
CA LEU B 124 22.96 -7.44 -15.49
C LEU B 124 21.68 -6.72 -15.76
N LEU B 125 20.70 -7.42 -16.31
CA LEU B 125 19.39 -6.83 -16.67
C LEU B 125 18.36 -6.86 -15.55
N GLU B 126 17.76 -5.69 -15.22
CA GLU B 126 16.58 -5.60 -14.37
C GLU B 126 15.41 -5.14 -15.21
N LEU B 127 14.47 -6.04 -15.45
CA LEU B 127 13.29 -5.71 -16.28
C LEU B 127 12.18 -5.16 -15.39
N ASN B 128 11.73 -3.98 -15.71
CA ASN B 128 10.82 -3.26 -14.89
C ASN B 128 9.39 -3.63 -15.25
N LEU B 129 8.79 -4.44 -14.42
CA LEU B 129 7.44 -4.93 -14.72
C LEU B 129 6.27 -3.99 -14.33
N SER B 130 6.60 -2.80 -13.86
CA SER B 130 5.63 -1.73 -13.69
C SER B 130 5.57 -0.89 -14.96
N CYS B 131 6.20 -1.38 -16.02
CA CYS B 131 6.00 -0.78 -17.31
C CYS B 131 4.48 -0.76 -17.58
N PRO B 132 4.08 0.44 -18.15
CA PRO B 132 2.65 0.55 -18.36
C PRO B 132 2.30 -0.31 -19.60
N ASN B 133 1.15 -0.97 -19.66
CA ASN B 133 0.78 -1.62 -20.91
C ASN B 133 -0.26 -0.74 -21.56
N VAL B 134 -1.27 -1.31 -22.19
CA VAL B 134 -2.25 -0.48 -22.87
C VAL B 134 -2.95 0.40 -21.86
N PRO B 135 -3.06 1.69 -22.12
CA PRO B 135 -3.80 2.54 -21.21
C PRO B 135 -5.29 2.13 -21.03
N GLY B 136 -5.77 2.25 -19.79
CA GLY B 136 -7.00 1.63 -19.27
C GLY B 136 -6.88 0.21 -18.75
N LYS B 137 -5.69 -0.36 -18.84
CA LYS B 137 -5.44 -1.66 -18.26
C LYS B 137 -4.45 -1.40 -17.10
N PRO B 138 -4.41 -2.32 -16.16
CA PRO B 138 -3.44 -2.18 -15.02
C PRO B 138 -2.00 -2.34 -15.46
N GLN B 139 -1.06 -1.87 -14.63
CA GLN B 139 0.33 -2.10 -14.90
C GLN B 139 0.60 -3.59 -15.19
N VAL B 140 1.63 -3.83 -15.98
CA VAL B 140 1.83 -5.18 -16.47
C VAL B 140 1.88 -6.22 -15.32
N ALA B 141 2.55 -5.89 -14.23
CA ALA B 141 2.70 -6.89 -13.15
C ALA B 141 1.38 -7.12 -12.41
N TYR B 142 0.38 -6.26 -12.64
CA TYR B 142 -0.93 -6.48 -12.03
C TYR B 142 -1.89 -7.16 -12.99
N ASP B 143 -1.39 -7.47 -14.18
CA ASP B 143 -2.16 -8.21 -15.21
C ASP B 143 -1.35 -9.50 -15.50
N PHE B 144 -1.72 -10.60 -14.89
CA PHE B 144 -0.85 -11.81 -14.87
C PHE B 144 -0.71 -12.40 -16.23
N GLU B 145 -1.71 -12.22 -17.10
CA GLU B 145 -1.53 -12.72 -18.46
C GLU B 145 -0.48 -11.97 -19.29
N ALA B 146 -0.49 -10.65 -19.17
CA ALA B 146 0.44 -9.82 -19.82
C ALA B 146 1.80 -10.09 -19.23
N MET B 147 1.89 -10.19 -17.92
CA MET B 147 3.16 -10.51 -17.29
C MET B 147 3.79 -11.77 -17.87
N ARG B 148 3.00 -12.81 -18.02
CA ARG B 148 3.51 -14.05 -18.57
C ARG B 148 4.00 -13.83 -20.00
N THR B 149 3.27 -13.03 -20.74
CA THR B 149 3.64 -12.73 -22.13
C THR B 149 4.96 -12.03 -22.19
N TYR B 150 5.10 -11.00 -21.35
CA TYR B 150 6.35 -10.26 -21.34
C TYR B 150 7.50 -11.19 -20.99
N LEU B 151 7.36 -12.06 -19.98
CA LEU B 151 8.49 -12.89 -19.57
C LEU B 151 8.83 -13.96 -20.61
N GLN B 152 7.81 -14.51 -21.25
CA GLN B 152 8.09 -15.43 -22.39
C GLN B 152 8.97 -14.81 -23.48
N GLN B 153 8.48 -13.67 -23.96
CA GLN B 153 9.11 -12.97 -25.05
C GLN B 153 10.54 -12.52 -24.69
N VAL B 154 10.69 -11.91 -23.50
CA VAL B 154 11.96 -11.47 -23.08
C VAL B 154 12.94 -12.64 -22.84
N SER B 155 12.49 -13.71 -22.23
CA SER B 155 13.38 -14.86 -22.03
C SER B 155 13.93 -15.34 -23.38
N LEU B 156 13.04 -15.50 -24.36
CA LEU B 156 13.44 -15.98 -25.73
C LEU B 156 14.40 -15.00 -26.39
N ALA B 157 14.11 -13.70 -26.28
CA ALA B 157 14.88 -12.71 -26.99
C ALA B 157 16.22 -12.47 -26.33
N TYR B 158 16.30 -12.60 -24.99
CA TYR B 158 17.55 -12.37 -24.25
C TYR B 158 18.43 -13.59 -24.06
N GLY B 159 17.86 -14.69 -23.56
CA GLY B 159 18.59 -15.94 -23.48
C GLY B 159 19.63 -16.00 -22.39
N LEU B 160 19.65 -15.04 -21.47
CA LEU B 160 20.62 -15.02 -20.38
C LEU B 160 19.85 -14.73 -19.07
N PRO B 161 20.50 -14.98 -17.95
CA PRO B 161 19.92 -14.67 -16.64
C PRO B 161 19.60 -13.19 -16.48
N PHE B 162 18.44 -12.92 -15.94
CA PHE B 162 18.05 -11.55 -15.65
C PHE B 162 17.18 -11.52 -14.42
N GLY B 163 16.72 -10.30 -14.07
CA GLY B 163 15.84 -10.13 -12.94
C GLY B 163 14.70 -9.22 -13.29
N VAL B 164 13.75 -9.14 -12.38
CA VAL B 164 12.54 -8.39 -12.60
C VAL B 164 12.24 -7.48 -11.37
N LYS B 165 11.81 -6.26 -11.60
CA LYS B 165 11.37 -5.35 -10.59
C LYS B 165 9.84 -5.36 -10.49
N MET B 166 9.35 -5.69 -9.30
CA MET B 166 7.94 -5.99 -9.09
C MET B 166 7.29 -4.89 -8.29
N PRO B 167 6.03 -4.55 -8.60
CA PRO B 167 5.31 -3.67 -7.72
C PRO B 167 4.94 -4.45 -6.47
N PRO B 168 4.56 -3.73 -5.43
CA PRO B 168 3.99 -4.40 -4.25
C PRO B 168 2.61 -5.04 -4.50
N TYR B 169 2.41 -6.21 -3.91
CA TYR B 169 1.05 -6.88 -3.83
C TYR B 169 0.57 -6.81 -2.38
N PHE B 170 -0.74 -6.96 -2.21
CA PHE B 170 -1.46 -6.73 -0.99
C PHE B 170 -2.41 -7.87 -0.59
N ASP B 171 -2.46 -8.90 -1.43
CA ASP B 171 -3.43 -10.04 -1.28
C ASP B 171 -2.62 -11.31 -1.43
N ILE B 172 -2.81 -12.23 -0.51
CA ILE B 172 -2.07 -13.54 -0.53
C ILE B 172 -2.30 -14.24 -1.86
N ALA B 173 -3.51 -14.10 -2.43
CA ALA B 173 -3.78 -14.74 -3.72
C ALA B 173 -2.89 -14.25 -4.80
N HIS B 174 -2.64 -12.94 -4.78
CA HIS B 174 -1.66 -12.33 -5.69
C HIS B 174 -0.24 -12.73 -5.46
N PHE B 175 0.21 -12.84 -4.21
CA PHE B 175 1.55 -13.40 -3.98
C PHE B 175 1.68 -14.74 -4.65
N ASP B 176 0.63 -15.57 -4.47
CA ASP B 176 0.67 -16.94 -4.91
C ASP B 176 0.71 -16.97 -6.41
N THR B 177 -0.17 -16.25 -7.04
CA THR B 177 -0.22 -16.25 -8.50
C THR B 177 1.07 -15.65 -9.10
N ALA B 178 1.48 -14.48 -8.61
CA ALA B 178 2.67 -13.81 -9.15
C ALA B 178 3.89 -14.67 -9.06
N ALA B 179 4.13 -15.27 -7.89
CA ALA B 179 5.29 -16.10 -7.74
C ALA B 179 5.24 -17.30 -8.62
N ALA B 180 4.07 -17.87 -8.76
CA ALA B 180 3.95 -19.03 -9.71
C ALA B 180 4.32 -18.60 -11.17
N VAL B 181 3.89 -17.42 -11.60
CA VAL B 181 4.23 -16.97 -12.96
C VAL B 181 5.72 -16.83 -13.07
N LEU B 182 6.37 -16.19 -12.07
CA LEU B 182 7.83 -16.05 -12.11
C LEU B 182 8.56 -17.36 -12.12
N ASN B 183 8.03 -18.33 -11.38
CA ASN B 183 8.69 -19.62 -11.30
C ASN B 183 8.58 -20.43 -12.63
N GLU B 184 7.74 -19.97 -13.54
CA GLU B 184 7.69 -20.60 -14.90
C GLU B 184 8.95 -20.26 -15.75
N PHE B 185 9.78 -19.33 -15.27
CA PHE B 185 10.86 -18.74 -16.07
C PHE B 185 12.18 -18.92 -15.43
N PRO B 186 12.89 -19.98 -15.83
CA PRO B 186 14.17 -20.23 -15.20
C PRO B 186 15.27 -19.17 -15.40
N LEU B 187 15.18 -18.35 -16.42
CA LEU B 187 16.19 -17.34 -16.58
C LEU B 187 15.97 -16.13 -15.60
N VAL B 188 14.79 -16.04 -14.99
CA VAL B 188 14.58 -15.04 -13.93
C VAL B 188 15.31 -15.49 -12.67
N LYS B 189 16.51 -14.94 -12.48
CA LYS B 189 17.34 -15.35 -11.36
C LYS B 189 17.18 -14.48 -10.10
N PHE B 190 16.69 -13.27 -10.25
CA PHE B 190 16.42 -12.38 -9.13
C PHE B 190 15.13 -11.64 -9.31
N VAL B 191 14.53 -11.31 -8.18
CA VAL B 191 13.25 -10.64 -8.13
C VAL B 191 13.42 -9.47 -7.13
N THR B 192 13.23 -8.26 -7.63
CA THR B 192 13.38 -7.07 -6.82
C THR B 192 12.00 -6.62 -6.31
N CYS B 193 11.86 -6.59 -4.99
CA CYS B 193 10.61 -6.22 -4.32
C CYS B 193 10.95 -5.07 -3.38
N VAL B 194 10.42 -3.86 -3.57
CA VAL B 194 9.31 -3.49 -4.40
C VAL B 194 9.52 -2.15 -5.06
N ASN B 195 8.83 -1.95 -6.14
CA ASN B 195 8.64 -0.63 -6.72
C ASN B 195 7.78 0.22 -5.78
N SER B 196 7.53 1.49 -6.14
CA SER B 196 6.64 2.36 -5.35
C SER B 196 5.23 1.80 -5.14
N VAL B 197 4.60 2.15 -4.00
CA VAL B 197 3.23 1.81 -3.71
C VAL B 197 2.38 2.79 -4.56
N GLY B 198 1.68 2.22 -5.52
CA GLY B 198 1.04 2.99 -6.56
C GLY B 198 -0.04 3.95 -6.17
N ASN B 199 -0.05 5.09 -6.89
CA ASN B 199 -1.16 6.04 -6.86
C ASN B 199 -1.64 6.42 -5.47
N GLY B 200 -0.71 6.80 -4.62
CA GLY B 200 -1.02 7.57 -3.42
C GLY B 200 -1.32 9.01 -3.75
N LEU B 201 -1.75 9.76 -2.74
CA LEU B 201 -2.06 11.18 -2.90
C LEU B 201 -1.60 11.98 -1.71
N VAL B 202 -0.63 12.88 -1.89
CA VAL B 202 -0.17 13.72 -0.80
C VAL B 202 -0.82 15.11 -0.99
N ILE B 203 -1.36 15.63 0.10
CA ILE B 203 -2.06 16.93 0.11
C ILE B 203 -1.37 17.79 1.16
N ASP B 204 -1.08 19.02 0.77
CA ASP B 204 -0.51 20.01 1.62
C ASP B 204 -1.65 20.82 2.31
N ALA B 205 -1.71 20.77 3.61
CA ALA B 205 -2.85 21.43 4.33
C ALA B 205 -2.90 22.93 4.21
N GLU B 206 -1.74 23.57 4.27
CA GLU B 206 -1.65 25.03 4.18
C GLU B 206 -2.14 25.61 2.85
N SER B 207 -1.77 24.96 1.75
CA SER B 207 -2.13 25.42 0.45
C SER B 207 -3.36 24.73 -0.10
N GLU B 208 -3.82 23.69 0.58
CA GLU B 208 -4.99 22.91 0.15
C GLU B 208 -4.82 22.32 -1.21
N SER B 209 -3.58 22.01 -1.58
CA SER B 209 -3.28 21.53 -2.88
C SER B 209 -2.45 20.24 -2.83
N VAL B 210 -2.62 19.44 -3.89
CA VAL B 210 -1.73 18.30 -4.16
C VAL B 210 -0.32 18.87 -4.41
N VAL B 211 0.68 18.01 -4.29
CA VAL B 211 2.05 18.47 -4.32
C VAL B 211 2.86 18.16 -5.59
N ILE B 212 2.32 17.34 -6.47
CA ILE B 212 2.91 17.09 -7.74
C ILE B 212 1.90 17.39 -8.80
N LYS B 213 2.39 17.78 -9.93
CA LYS B 213 1.53 18.23 -11.04
C LYS B 213 0.84 17.15 -11.89
N PRO B 214 1.56 16.08 -12.33
CA PRO B 214 0.97 15.06 -13.14
C PRO B 214 -0.16 14.32 -12.43
N LYS B 215 -1.09 13.77 -13.20
CA LYS B 215 -2.10 12.84 -12.66
C LYS B 215 -2.89 13.42 -11.51
N GLN B 216 -3.18 14.73 -11.54
CA GLN B 216 -3.98 15.38 -10.48
C GLN B 216 -3.41 15.10 -9.10
N GLY B 217 -2.08 14.90 -9.04
CA GLY B 217 -1.43 14.72 -7.78
C GLY B 217 -1.14 13.29 -7.38
N PHE B 218 -1.69 12.31 -8.09
CA PHE B 218 -1.48 10.92 -7.76
C PHE B 218 -0.09 10.44 -8.18
N GLY B 219 0.58 9.71 -7.29
CA GLY B 219 1.88 9.18 -7.67
C GLY B 219 2.33 8.10 -6.71
N GLY B 220 3.42 7.46 -7.10
CA GLY B 220 4.02 6.32 -6.36
C GLY B 220 4.71 6.77 -5.09
N LEU B 221 4.47 6.03 -4.04
CA LEU B 221 4.98 6.34 -2.70
C LEU B 221 6.19 5.54 -2.40
N GLY B 222 7.19 6.19 -1.89
CA GLY B 222 8.33 5.54 -1.28
C GLY B 222 8.63 5.99 0.13
N GLY B 223 9.66 5.38 0.70
CA GLY B 223 10.20 5.80 1.96
C GLY B 223 9.57 5.14 3.18
N LYS B 224 9.50 5.85 4.31
CA LYS B 224 9.00 5.25 5.58
C LYS B 224 7.60 4.69 5.47
N TYR B 225 6.74 5.31 4.64
CA TYR B 225 5.40 4.77 4.41
C TYR B 225 5.35 3.30 4.03
N ILE B 226 6.38 2.81 3.30
CA ILE B 226 6.25 1.55 2.64
C ILE B 226 7.11 0.40 3.18
N LEU B 227 7.82 0.57 4.30
CA LEU B 227 8.75 -0.48 4.78
C LEU B 227 8.04 -1.78 5.09
N PRO B 228 6.98 -1.76 5.91
CA PRO B 228 6.30 -3.05 6.15
C PRO B 228 5.74 -3.72 4.88
N THR B 229 5.24 -2.91 3.94
CA THR B 229 4.80 -3.45 2.66
C THR B 229 5.96 -4.08 1.92
N ALA B 230 7.10 -3.40 1.89
CA ALA B 230 8.29 -3.92 1.19
C ALA B 230 8.78 -5.22 1.84
N LEU B 231 8.88 -5.24 3.18
CA LEU B 231 9.31 -6.45 3.91
C LEU B 231 8.39 -7.62 3.59
N ALA B 232 7.07 -7.37 3.57
CA ALA B 232 6.12 -8.44 3.26
C ALA B 232 6.34 -9.05 1.90
N ASN B 233 6.56 -8.21 0.91
CA ASN B 233 6.77 -8.67 -0.41
C ASN B 233 8.10 -9.40 -0.54
N VAL B 234 9.13 -8.87 0.06
CA VAL B 234 10.47 -9.57 0.03
C VAL B 234 10.26 -10.99 0.63
N ASN B 235 9.59 -11.08 1.75
CA ASN B 235 9.45 -12.38 2.40
C ASN B 235 8.50 -13.31 1.69
N ALA B 236 7.44 -12.74 1.13
CA ALA B 236 6.49 -13.56 0.38
C ALA B 236 7.17 -14.23 -0.82
N PHE B 237 7.95 -13.46 -1.58
CA PHE B 237 8.70 -14.03 -2.72
C PHE B 237 9.87 -14.89 -2.30
N TYR B 238 10.51 -14.56 -1.18
CA TYR B 238 11.63 -15.38 -0.71
C TYR B 238 11.14 -16.76 -0.41
N ARG B 239 9.99 -16.79 0.26
CA ARG B 239 9.39 -18.09 0.60
C ARG B 239 8.84 -18.86 -0.65
N ARG B 240 8.27 -18.16 -1.59
CA ARG B 240 7.67 -18.79 -2.78
C ARG B 240 8.67 -19.09 -3.91
N CYS B 241 9.84 -18.46 -3.94
CA CYS B 241 10.75 -18.65 -5.08
C CYS B 241 12.08 -19.12 -4.59
N PRO B 242 12.13 -20.38 -4.12
CA PRO B 242 13.34 -20.80 -3.41
C PRO B 242 14.54 -21.02 -4.37
N ASP B 243 14.34 -21.13 -5.68
CA ASP B 243 15.49 -21.19 -6.58
C ASP B 243 15.85 -19.85 -7.17
N LYS B 244 15.29 -18.73 -6.64
CA LYS B 244 15.67 -17.39 -7.10
C LYS B 244 16.24 -16.57 -5.94
N LEU B 245 16.91 -15.47 -6.29
CA LEU B 245 17.33 -14.43 -5.33
C LEU B 245 16.20 -13.39 -5.23
N VAL B 246 16.10 -12.77 -4.04
CA VAL B 246 15.23 -11.64 -3.82
C VAL B 246 16.12 -10.46 -3.44
N PHE B 247 15.90 -9.32 -4.07
CA PHE B 247 16.55 -8.09 -3.73
C PHE B 247 15.44 -7.24 -3.06
N GLY B 248 15.80 -6.61 -1.94
CA GLY B 248 14.86 -5.78 -1.21
C GLY B 248 14.97 -4.33 -1.58
N CYS B 249 13.81 -3.68 -1.75
CA CYS B 249 13.76 -2.23 -2.02
C CYS B 249 12.53 -1.67 -1.32
N GLY B 250 12.73 -0.64 -0.53
CA GLY B 250 11.64 0.12 0.04
C GLY B 250 11.81 0.46 1.49
N GLY B 251 11.82 1.76 1.76
CA GLY B 251 11.81 2.20 3.17
C GLY B 251 13.15 2.05 3.86
N VAL B 252 14.26 1.88 3.14
CA VAL B 252 15.60 1.73 3.80
C VAL B 252 16.18 3.13 4.03
N TYR B 253 16.26 3.53 5.30
CA TYR B 253 16.97 4.70 5.78
C TYR B 253 18.17 4.40 6.69
N SER B 254 18.35 3.15 7.13
CA SER B 254 19.32 2.85 8.21
C SER B 254 19.80 1.42 8.09
N GLY B 255 20.88 1.08 8.78
CA GLY B 255 21.39 -0.29 8.69
C GLY B 255 20.33 -1.21 9.34
N GLU B 256 19.56 -0.68 10.29
CA GLU B 256 18.53 -1.51 10.89
C GLU B 256 17.45 -1.85 9.90
N ASP B 257 17.05 -0.89 9.06
CA ASP B 257 16.06 -1.19 8.04
C ASP B 257 16.64 -2.29 7.07
N ALA B 258 17.91 -2.11 6.71
CA ALA B 258 18.55 -3.07 5.79
C ALA B 258 18.62 -4.47 6.44
N PHE B 259 18.98 -4.51 7.73
CA PHE B 259 18.97 -5.76 8.54
C PHE B 259 17.60 -6.47 8.46
N LEU B 260 16.51 -5.74 8.57
CA LEU B 260 15.18 -6.30 8.44
C LEU B 260 14.84 -6.85 7.07
N HIS B 261 15.17 -6.09 6.02
CA HIS B 261 15.11 -6.64 4.69
C HIS B 261 15.84 -7.96 4.55
N ILE B 262 17.04 -8.04 5.10
CA ILE B 262 17.89 -9.23 4.95
C ILE B 262 17.31 -10.38 5.72
N LEU B 263 16.85 -10.13 6.93
CA LEU B 263 16.12 -11.14 7.66
C LEU B 263 14.92 -11.63 6.94
N ALA B 264 14.22 -10.76 6.18
CA ALA B 264 13.12 -11.17 5.38
C ALA B 264 13.50 -11.97 4.18
N GLY B 265 14.76 -11.89 3.77
CA GLY B 265 15.28 -12.67 2.67
C GLY B 265 16.07 -11.92 1.58
N ALA B 266 16.25 -10.63 1.75
CA ALA B 266 16.95 -9.83 0.76
C ALA B 266 18.41 -10.23 0.62
N SER B 267 18.87 -10.30 -0.63
CA SER B 267 20.26 -10.41 -0.94
C SER B 267 20.85 -8.99 -1.04
N MET B 268 20.62 -8.36 -2.16
CA MET B 268 21.02 -6.99 -2.32
C MET B 268 19.88 -6.15 -1.71
N VAL B 269 20.21 -4.93 -1.33
CA VAL B 269 19.31 -4.02 -0.73
C VAL B 269 19.43 -2.66 -1.41
N GLN B 270 18.34 -2.21 -1.98
CA GLN B 270 18.28 -0.98 -2.76
C GLN B 270 17.72 0.19 -1.93
N VAL B 271 18.19 1.38 -2.28
CA VAL B 271 17.90 2.57 -1.51
C VAL B 271 17.45 3.64 -2.49
N GLY B 272 16.19 4.08 -2.35
CA GLY B 272 15.64 5.09 -3.20
C GLY B 272 15.47 6.42 -2.50
N THR B 273 14.29 6.68 -1.96
CA THR B 273 13.95 7.95 -1.30
C THR B 273 15.07 8.44 -0.40
N ALA B 274 15.58 7.61 0.47
CA ALA B 274 16.62 8.07 1.41
C ALA B 274 17.90 8.55 0.78
N LEU B 275 18.28 7.88 -0.31
CA LEU B 275 19.39 8.28 -1.13
C LEU B 275 19.12 9.60 -1.88
N GLN B 276 17.94 9.74 -2.48
CA GLN B 276 17.57 10.98 -3.09
C GLN B 276 17.71 12.10 -2.09
N GLU B 277 17.35 11.85 -0.82
CA GLU B 277 17.30 12.95 0.14
C GLU B 277 18.66 13.20 0.76
N GLU B 278 19.40 12.15 1.04
CA GLU B 278 20.65 12.25 1.76
C GLU B 278 21.88 12.41 0.87
N GLY B 279 21.78 11.84 -0.33
CA GLY B 279 22.92 11.74 -1.21
C GLY B 279 23.81 10.49 -0.95
N PRO B 280 24.84 10.31 -1.78
CA PRO B 280 25.52 9.02 -1.79
C PRO B 280 26.39 8.75 -0.57
N GLY B 281 26.59 9.76 0.24
CA GLY B 281 27.17 9.49 1.56
C GLY B 281 26.40 8.52 2.38
N ILE B 282 25.13 8.34 2.07
CA ILE B 282 24.35 7.40 2.86
C ILE B 282 24.94 5.98 2.87
N PHE B 283 25.60 5.60 1.78
CA PHE B 283 26.12 4.21 1.74
C PHE B 283 27.16 3.88 2.80
N THR B 284 28.03 4.84 3.13
CA THR B 284 28.98 4.58 4.25
C THR B 284 28.26 4.42 5.56
N ARG B 285 27.25 5.24 5.77
CA ARG B 285 26.53 5.21 7.03
C ARG B 285 25.80 3.88 7.13
N LEU B 286 25.18 3.42 6.04
CA LEU B 286 24.38 2.19 6.09
C LEU B 286 25.30 1.01 6.37
N GLU B 287 26.46 1.03 5.74
CA GLU B 287 27.43 -0.06 5.94
C GLU B 287 27.87 -0.15 7.41
N ASP B 288 28.26 1.00 7.96
CA ASP B 288 28.66 1.15 9.38
C ASP B 288 27.56 0.66 10.35
N GLU B 289 26.33 1.10 10.12
CA GLU B 289 25.20 0.80 10.94
C GLU B 289 24.90 -0.71 10.86
N LEU B 290 24.95 -1.28 9.68
CA LEU B 290 24.64 -2.67 9.55
C LEU B 290 25.75 -3.54 10.25
N LEU B 291 27.00 -3.17 10.02
CA LEU B 291 28.14 -3.82 10.71
C LEU B 291 28.04 -3.73 12.21
N GLU B 292 27.50 -2.64 12.73
CA GLU B 292 27.36 -2.52 14.15
C GLU B 292 26.31 -3.45 14.68
N ILE B 293 25.18 -3.58 13.96
CA ILE B 293 24.12 -4.55 14.38
C ILE B 293 24.64 -5.96 14.35
N MET B 294 25.34 -6.30 13.25
CA MET B 294 25.99 -7.60 13.15
C MET B 294 26.95 -7.88 14.31
N ALA B 295 27.79 -6.93 14.65
CA ALA B 295 28.75 -7.15 15.77
C ALA B 295 28.09 -7.38 17.12
N ARG B 296 27.06 -6.64 17.42
CA ARG B 296 26.28 -6.82 18.64
C ARG B 296 25.59 -8.19 18.73
N LYS B 297 25.20 -8.73 17.59
CA LYS B 297 24.46 -9.96 17.57
C LYS B 297 25.38 -11.13 17.34
N GLY B 298 26.66 -10.85 17.11
CA GLY B 298 27.56 -11.92 16.79
C GLY B 298 27.50 -12.51 15.41
N TYR B 299 26.90 -11.85 14.42
CA TYR B 299 26.84 -12.38 13.06
C TYR B 299 28.07 -11.96 12.26
N ARG B 300 28.73 -12.90 11.60
CA ARG B 300 29.93 -12.54 10.86
C ARG B 300 29.72 -12.33 9.36
N THR B 301 28.68 -12.91 8.81
CA THR B 301 28.35 -12.82 7.40
C THR B 301 26.81 -12.60 7.24
N LEU B 302 26.44 -12.11 6.07
CA LEU B 302 25.03 -11.88 5.75
C LEU B 302 24.23 -13.18 5.71
N GLU B 303 24.85 -14.24 5.14
CA GLU B 303 24.12 -15.49 5.00
C GLU B 303 23.83 -16.14 6.34
N GLU B 304 24.51 -15.74 7.42
CA GLU B 304 24.13 -16.26 8.73
C GLU B 304 22.72 -15.87 9.14
N PHE B 305 22.20 -14.72 8.70
CA PHE B 305 20.84 -14.32 9.03
C PHE B 305 19.86 -14.06 7.91
N ARG B 306 20.28 -14.14 6.65
CA ARG B 306 19.39 -13.88 5.51
C ARG B 306 18.26 -14.89 5.49
N GLY B 307 17.05 -14.38 5.46
CA GLY B 307 15.84 -15.20 5.44
C GLY B 307 15.45 -15.83 6.76
N ARG B 308 16.11 -15.49 7.84
CA ARG B 308 15.95 -16.15 9.13
C ARG B 308 14.96 -15.49 10.06
N VAL B 309 14.15 -14.60 9.53
CA VAL B 309 13.09 -14.04 10.34
C VAL B 309 12.34 -15.14 11.05
N LYS B 310 12.07 -14.92 12.33
CA LYS B 310 11.35 -15.89 13.14
C LYS B 310 9.89 -15.61 13.10
N THR B 311 9.08 -16.62 13.05
CA THR B 311 7.62 -16.46 13.25
C THR B 311 7.25 -16.90 14.65
N ILE B 312 6.05 -16.59 15.08
CA ILE B 312 5.65 -16.93 16.44
C ILE B 312 4.89 -18.27 16.44
N GLU B 313 5.36 -19.23 17.23
CA GLU B 313 4.85 -20.64 17.24
C GLU B 313 5.18 -21.40 15.98
#